data_6VNZ
#
_entry.id   6VNZ
#
_entity_poly.entity_id   1
_entity_poly.type   'polypeptide(L)'
_entity_poly.pdbx_seq_one_letter_code
;AFCNLRRCELSCRSLGLLGACIGEECKCVPY
;
_entity_poly.pdbx_strand_id   A
#
# COMPACT_ATOMS: atom_id res chain seq x y z
N ALA A 1 -3.39 -2.85 15.81
CA ALA A 1 -2.41 -2.12 14.96
C ALA A 1 -2.94 -1.96 13.54
N PHE A 2 -2.57 -0.88 12.86
CA PHE A 2 -2.93 -0.60 11.46
C PHE A 2 -1.78 -0.89 10.48
N CYS A 3 -2.04 -0.84 9.17
CA CYS A 3 -0.98 -0.86 8.16
C CYS A 3 -0.22 0.47 8.17
N ASN A 4 1.05 0.49 7.72
CA ASN A 4 1.73 1.75 7.39
C ASN A 4 1.22 2.24 6.03
N LEU A 5 -0.09 2.39 5.89
CA LEU A 5 -0.81 2.57 4.64
C LEU A 5 -0.28 3.75 3.80
N ARG A 6 0.16 4.84 4.42
CA ARG A 6 0.82 5.94 3.68
C ARG A 6 2.15 5.51 3.06
N ARG A 7 2.98 4.76 3.79
CA ARG A 7 4.25 4.21 3.31
C ARG A 7 4.03 3.11 2.26
N CYS A 8 3.03 2.25 2.49
CA CYS A 8 2.55 1.25 1.54
C CYS A 8 2.13 1.85 0.18
N GLU A 9 1.31 2.90 0.19
CA GLU A 9 0.95 3.68 -1.01
C GLU A 9 2.19 4.30 -1.67
N LEU A 10 3.00 5.06 -0.94
CA LEU A 10 4.21 5.74 -1.45
C LEU A 10 5.22 4.77 -2.06
N SER A 11 5.41 3.59 -1.45
CA SER A 11 6.27 2.52 -1.98
C SER A 11 5.77 1.93 -3.31
N CYS A 12 4.47 1.98 -3.60
CA CYS A 12 3.90 1.42 -4.83
C CYS A 12 3.48 2.47 -5.86
N ARG A 13 3.38 3.74 -5.47
CA ARG A 13 3.15 4.85 -6.40
C ARG A 13 4.29 4.99 -7.40
N SER A 14 5.53 4.67 -6.99
CA SER A 14 6.66 4.57 -7.92
C SER A 14 6.50 3.45 -8.96
N LEU A 15 5.66 2.44 -8.69
CA LEU A 15 5.31 1.32 -9.58
C LEU A 15 3.99 1.54 -10.36
N GLY A 16 3.27 2.64 -10.08
CA GLY A 16 1.99 2.98 -10.71
C GLY A 16 0.77 2.25 -10.16
N LEU A 17 0.74 1.95 -8.85
CA LEU A 17 -0.32 1.17 -8.19
C LEU A 17 -1.06 1.97 -7.09
N LEU A 18 -2.22 1.47 -6.66
CA LEU A 18 -2.98 1.93 -5.49
C LEU A 18 -2.79 0.96 -4.31
N GLY A 19 -2.17 1.43 -3.22
CA GLY A 19 -2.03 0.66 -1.97
C GLY A 19 -3.29 0.62 -1.10
N ALA A 20 -3.58 -0.56 -0.54
CA ALA A 20 -4.65 -0.89 0.38
C ALA A 20 -4.15 -1.82 1.52
N CYS A 21 -5.04 -2.20 2.43
CA CYS A 21 -4.74 -2.92 3.68
C CYS A 21 -5.70 -4.08 3.99
N ILE A 22 -5.17 -5.15 4.61
CA ILE A 22 -5.93 -6.26 5.21
C ILE A 22 -5.46 -6.50 6.64
N GLY A 23 -6.31 -6.22 7.64
CA GLY A 23 -5.95 -6.21 9.05
C GLY A 23 -4.92 -5.10 9.33
N GLU A 24 -3.65 -5.48 9.38
CA GLU A 24 -2.48 -4.59 9.49
C GLU A 24 -1.42 -4.84 8.39
N GLU A 25 -1.70 -5.71 7.41
CA GLU A 25 -0.78 -6.07 6.33
C GLU A 25 -1.23 -5.47 4.98
N CYS A 26 -0.34 -4.74 4.29
CA CYS A 26 -0.71 -3.99 3.08
C CYS A 26 -0.32 -4.66 1.76
N LYS A 27 -1.14 -4.42 0.72
CA LYS A 27 -0.88 -4.78 -0.68
C LYS A 27 -1.39 -3.71 -1.64
N CYS A 28 -0.66 -3.49 -2.74
CA CYS A 28 -0.98 -2.53 -3.80
C CYS A 28 -1.27 -3.24 -5.14
N VAL A 29 -2.08 -2.60 -6.01
CA VAL A 29 -2.60 -3.18 -7.26
C VAL A 29 -2.79 -2.12 -8.37
N PRO A 30 -2.73 -2.49 -9.66
CA PRO A 30 -2.89 -1.55 -10.78
C PRO A 30 -4.34 -1.10 -10.99
N TYR A 31 -4.53 0.08 -11.60
CA TYR A 31 -5.78 0.86 -11.72
C TYR A 31 -6.98 0.12 -12.32
N ALA A 1 4.70 -2.77 16.22
CA ALA A 1 4.28 -1.57 15.46
C ALA A 1 3.11 -1.88 14.53
N PHE A 2 2.24 -0.91 14.24
CA PHE A 2 1.06 -1.07 13.37
C PHE A 2 1.35 -0.70 11.90
N CYS A 3 0.53 -1.17 10.96
CA CYS A 3 0.69 -0.88 9.52
C CYS A 3 0.54 0.62 9.17
N ASN A 4 1.18 1.07 8.09
CA ASN A 4 1.10 2.44 7.58
C ASN A 4 0.59 2.45 6.14
N LEU A 5 -0.65 2.89 5.99
CA LEU A 5 -1.33 3.09 4.70
C LEU A 5 -0.60 4.09 3.79
N ARG A 6 -0.11 5.21 4.35
CA ARG A 6 0.66 6.21 3.58
C ARG A 6 1.94 5.61 3.00
N ARG A 7 2.70 4.83 3.80
CA ARG A 7 3.88 4.10 3.33
C ARG A 7 3.49 3.06 2.27
N CYS A 8 2.44 2.28 2.51
CA CYS A 8 1.93 1.27 1.59
C CYS A 8 1.53 1.84 0.22
N GLU A 9 0.88 3.01 0.19
CA GLU A 9 0.59 3.74 -1.06
C GLU A 9 1.88 4.21 -1.75
N LEU A 10 2.78 4.89 -1.04
CA LEU A 10 3.97 5.53 -1.64
C LEU A 10 5.09 4.53 -2.01
N SER A 11 5.24 3.41 -1.31
CA SER A 11 6.13 2.30 -1.70
C SER A 11 5.67 1.57 -2.98
N CYS A 12 4.42 1.79 -3.42
CA CYS A 12 3.88 1.31 -4.69
C CYS A 12 3.63 2.40 -5.73
N ARG A 13 3.75 3.69 -5.37
CA ARG A 13 3.75 4.83 -6.30
C ARG A 13 4.84 4.70 -7.35
N SER A 14 5.98 4.14 -6.95
CA SER A 14 7.11 3.76 -7.82
C SER A 14 6.80 2.62 -8.81
N LEU A 15 5.69 1.89 -8.60
CA LEU A 15 5.17 0.84 -9.47
C LEU A 15 3.86 1.28 -10.17
N GLY A 16 3.35 2.49 -9.86
CA GLY A 16 2.11 3.04 -10.39
C GLY A 16 0.84 2.31 -9.93
N LEU A 17 0.76 1.97 -8.64
CA LEU A 17 -0.33 1.20 -8.03
C LEU A 17 -0.98 1.92 -6.83
N LEU A 18 -2.28 1.73 -6.63
CA LEU A 18 -3.02 2.13 -5.43
C LEU A 18 -2.82 1.12 -4.30
N GLY A 19 -2.19 1.53 -3.20
CA GLY A 19 -2.03 0.72 -2.01
C GLY A 19 -3.18 0.83 -0.99
N ALA A 20 -3.48 -0.30 -0.35
CA ALA A 20 -4.36 -0.45 0.80
C ALA A 20 -3.79 -1.52 1.76
N CYS A 21 -3.80 -1.26 3.07
CA CYS A 21 -3.40 -2.24 4.08
C CYS A 21 -4.61 -2.98 4.68
N ILE A 22 -4.49 -4.30 4.84
CA ILE A 22 -5.55 -5.20 5.29
C ILE A 22 -5.03 -6.01 6.47
N GLY A 23 -5.64 -5.81 7.64
CA GLY A 23 -5.14 -6.29 8.93
C GLY A 23 -3.86 -5.54 9.28
N GLU A 24 -2.71 -6.19 9.07
CA GLU A 24 -1.37 -5.58 9.20
C GLU A 24 -0.50 -5.70 7.94
N GLU A 25 -1.01 -6.32 6.88
CA GLU A 25 -0.27 -6.59 5.64
C GLU A 25 -0.70 -5.66 4.49
N CYS A 26 0.27 -4.93 3.92
CA CYS A 26 0.06 -4.06 2.77
C CYS A 26 -0.16 -4.85 1.46
N LYS A 27 -1.00 -4.32 0.56
CA LYS A 27 -1.15 -4.76 -0.84
C LYS A 27 -1.39 -3.55 -1.75
N CYS A 28 -1.02 -3.63 -3.02
CA CYS A 28 -1.24 -2.55 -3.99
C CYS A 28 -1.53 -3.09 -5.41
N VAL A 29 -2.38 -2.38 -6.16
CA VAL A 29 -2.94 -2.82 -7.46
C VAL A 29 -3.00 -1.67 -8.49
N PRO A 30 -2.99 -1.92 -9.81
CA PRO A 30 -3.01 -0.85 -10.82
C PRO A 30 -4.24 0.07 -10.75
N TYR A 31 -4.11 1.28 -11.30
CA TYR A 31 -5.19 2.27 -11.42
C TYR A 31 -6.39 1.74 -12.21
N ALA A 1 0.58 -5.70 16.10
CA ALA A 1 1.30 -4.81 15.18
C ALA A 1 0.34 -4.19 14.16
N PHE A 2 0.73 -3.05 13.59
CA PHE A 2 -0.04 -2.31 12.58
C PHE A 2 0.62 -2.29 11.20
N CYS A 3 -0.12 -1.88 10.17
CA CYS A 3 0.40 -1.51 8.85
C CYS A 3 0.41 0.03 8.70
N ASN A 4 0.90 0.53 7.57
CA ASN A 4 0.92 1.93 7.21
C ASN A 4 0.41 2.15 5.79
N LEU A 5 -0.75 2.79 5.71
CA LEU A 5 -1.42 3.14 4.46
C LEU A 5 -0.55 4.04 3.56
N ARG A 6 0.09 5.08 4.11
CA ARG A 6 0.89 6.00 3.28
C ARG A 6 2.19 5.37 2.79
N ARG A 7 2.89 4.58 3.61
CA ARG A 7 4.01 3.75 3.13
C ARG A 7 3.57 2.78 2.03
N CYS A 8 2.45 2.11 2.22
CA CYS A 8 1.95 1.09 1.28
C CYS A 8 1.53 1.71 -0.07
N GLU A 9 0.99 2.93 -0.06
CA GLU A 9 0.75 3.71 -1.27
C GLU A 9 2.06 4.20 -1.92
N LEU A 10 2.87 4.99 -1.20
CA LEU A 10 4.02 5.71 -1.79
C LEU A 10 5.17 4.79 -2.19
N SER A 11 5.35 3.65 -1.52
CA SER A 11 6.31 2.63 -1.98
C SER A 11 5.90 2.02 -3.33
N CYS A 12 4.59 1.83 -3.53
CA CYS A 12 4.05 1.24 -4.75
C CYS A 12 3.71 2.28 -5.84
N ARG A 13 3.60 3.56 -5.49
CA ARG A 13 3.46 4.68 -6.43
C ARG A 13 4.68 4.83 -7.34
N SER A 14 5.85 4.30 -6.93
CA SER A 14 7.03 4.17 -7.79
C SER A 14 6.74 3.33 -9.05
N LEU A 15 5.86 2.32 -8.94
CA LEU A 15 5.35 1.50 -10.04
C LEU A 15 4.01 2.00 -10.60
N GLY A 16 3.26 2.77 -9.81
CA GLY A 16 1.95 3.34 -10.16
C GLY A 16 0.77 2.49 -9.71
N LEU A 17 0.73 2.06 -8.43
CA LEU A 17 -0.34 1.22 -7.85
C LEU A 17 -1.07 1.92 -6.70
N LEU A 18 -2.33 1.53 -6.46
CA LEU A 18 -3.12 1.89 -5.28
C LEU A 18 -2.78 0.98 -4.10
N GLY A 19 -2.04 1.49 -3.12
CA GLY A 19 -1.80 0.78 -1.85
C GLY A 19 -3.01 0.81 -0.91
N ALA A 20 -3.16 -0.28 -0.16
CA ALA A 20 -4.12 -0.47 0.92
C ALA A 20 -3.47 -1.24 2.09
N CYS A 21 -3.74 -0.78 3.30
CA CYS A 21 -3.31 -1.37 4.57
C CYS A 21 -4.51 -2.04 5.26
N ILE A 22 -4.43 -3.36 5.42
CA ILE A 22 -5.54 -4.23 5.84
C ILE A 22 -5.20 -4.89 7.19
N GLY A 23 -5.62 -4.26 8.29
CA GLY A 23 -5.49 -4.73 9.67
C GLY A 23 -4.06 -4.71 10.23
N GLU A 24 -3.12 -5.34 9.52
CA GLU A 24 -1.68 -5.40 9.81
C GLU A 24 -0.79 -5.64 8.58
N GLU A 25 -1.38 -5.98 7.42
CA GLU A 25 -0.66 -6.27 6.17
C GLU A 25 -0.84 -5.15 5.14
N CYS A 26 0.02 -5.11 4.11
CA CYS A 26 -0.05 -4.16 3.00
C CYS A 26 -0.13 -4.88 1.65
N LYS A 27 -1.01 -4.42 0.77
CA LYS A 27 -1.09 -4.81 -0.64
C LYS A 27 -1.41 -3.63 -1.55
N CYS A 28 -0.82 -3.60 -2.74
CA CYS A 28 -0.96 -2.51 -3.71
C CYS A 28 -1.28 -3.07 -5.11
N VAL A 29 -2.22 -2.43 -5.82
CA VAL A 29 -2.86 -2.98 -7.02
C VAL A 29 -2.91 -2.02 -8.21
N PRO A 30 -2.90 -2.52 -9.46
CA PRO A 30 -2.93 -1.66 -10.65
C PRO A 30 -4.29 -0.99 -10.88
N TYR A 31 -4.23 0.24 -11.41
CA TYR A 31 -5.36 1.03 -11.90
C TYR A 31 -6.10 0.35 -13.05
N ALA A 1 -1.02 -8.09 13.70
CA ALA A 1 -0.12 -7.03 13.19
C ALA A 1 -0.91 -5.93 12.46
N PHE A 2 -0.26 -4.81 12.14
CA PHE A 2 -0.87 -3.61 11.56
C PHE A 2 -0.16 -3.13 10.27
N CYS A 3 -0.89 -2.40 9.44
CA CYS A 3 -0.41 -1.77 8.20
C CYS A 3 0.36 -0.45 8.41
N ASN A 4 1.05 0.03 7.37
CA ASN A 4 1.55 1.40 7.22
C ASN A 4 1.08 1.93 5.87
N LEU A 5 -0.21 2.28 5.79
CA LEU A 5 -0.93 2.65 4.57
C LEU A 5 -0.22 3.75 3.76
N ARG A 6 0.32 4.79 4.43
CA ARG A 6 1.07 5.85 3.76
C ARG A 6 2.32 5.32 3.06
N ARG A 7 3.20 4.64 3.79
CA ARG A 7 4.46 4.09 3.22
C ARG A 7 4.16 3.06 2.14
N CYS A 8 3.22 2.16 2.43
CA CYS A 8 2.77 1.12 1.52
C CYS A 8 2.32 1.69 0.17
N GLU A 9 1.42 2.69 0.18
CA GLU A 9 0.89 3.26 -1.05
C GLU A 9 1.94 4.09 -1.80
N LEU A 10 2.73 4.90 -1.09
CA LEU A 10 3.82 5.72 -1.64
C LEU A 10 4.94 4.87 -2.28
N SER A 11 5.33 3.75 -1.65
CA SER A 11 6.32 2.81 -2.18
C SER A 11 5.81 2.06 -3.43
N CYS A 12 4.50 1.87 -3.57
CA CYS A 12 3.89 1.32 -4.79
C CYS A 12 3.55 2.39 -5.84
N ARG A 13 3.37 3.65 -5.45
CA ARG A 13 3.10 4.78 -6.37
C ARG A 13 4.29 5.03 -7.30
N SER A 14 5.50 4.68 -6.86
CA SER A 14 6.71 4.67 -7.70
C SER A 14 6.58 3.70 -8.89
N LEU A 15 5.91 2.55 -8.69
CA LEU A 15 5.53 1.59 -9.74
C LEU A 15 4.18 1.91 -10.42
N GLY A 16 3.35 2.76 -9.82
CA GLY A 16 2.00 3.09 -10.28
C GLY A 16 0.90 2.14 -9.82
N LEU A 17 0.95 1.59 -8.59
CA LEU A 17 -0.14 0.78 -8.01
C LEU A 17 -0.85 1.51 -6.87
N LEU A 18 -2.15 1.26 -6.70
CA LEU A 18 -2.99 1.76 -5.60
C LEU A 18 -2.81 0.90 -4.36
N GLY A 19 -2.24 1.43 -3.26
CA GLY A 19 -2.14 0.70 -1.99
C GLY A 19 -3.38 0.79 -1.10
N ALA A 20 -3.72 -0.32 -0.44
CA ALA A 20 -4.77 -0.46 0.57
C ALA A 20 -4.38 -1.49 1.65
N CYS A 21 -4.88 -1.27 2.87
CA CYS A 21 -4.68 -2.15 4.02
C CYS A 21 -5.71 -3.30 4.05
N ILE A 22 -5.24 -4.56 4.12
CA ILE A 22 -6.09 -5.76 4.07
C ILE A 22 -5.75 -6.67 5.26
N GLY A 23 -6.49 -6.47 6.35
CA GLY A 23 -6.27 -7.09 7.65
C GLY A 23 -4.96 -6.63 8.29
N GLU A 24 -4.00 -7.54 8.33
CA GLU A 24 -2.73 -7.39 9.06
C GLU A 24 -1.59 -6.73 8.27
N GLU A 25 -1.77 -6.53 6.96
CA GLU A 25 -0.71 -6.07 6.08
C GLU A 25 -1.26 -5.25 4.89
N CYS A 26 -0.50 -4.24 4.44
CA CYS A 26 -0.87 -3.41 3.30
C CYS A 26 -0.25 -3.88 1.97
N LYS A 27 -1.10 -3.97 0.95
CA LYS A 27 -0.80 -4.47 -0.41
C LYS A 27 -1.35 -3.51 -1.47
N CYS A 28 -0.81 -3.57 -2.69
CA CYS A 28 -1.11 -2.61 -3.75
C CYS A 28 -1.40 -3.29 -5.10
N VAL A 29 -2.23 -2.68 -5.95
CA VAL A 29 -2.77 -3.30 -7.18
C VAL A 29 -2.81 -2.35 -8.39
N PRO A 30 -2.75 -2.87 -9.63
CA PRO A 30 -2.95 -2.08 -10.86
C PRO A 30 -4.34 -1.44 -10.96
N TYR A 31 -4.49 -0.48 -11.87
CA TYR A 31 -5.75 0.26 -12.13
C TYR A 31 -6.87 -0.63 -12.70
N ALA A 1 -1.33 -6.27 15.08
CA ALA A 1 -0.36 -5.37 14.43
C ALA A 1 -1.08 -4.24 13.69
N PHE A 2 -0.35 -3.17 13.35
CA PHE A 2 -0.80 -2.08 12.48
C PHE A 2 -0.08 -2.09 11.11
N CYS A 3 -0.48 -1.20 10.20
CA CYS A 3 0.11 -1.07 8.88
C CYS A 3 0.31 0.40 8.47
N ASN A 4 1.48 0.71 7.90
CA ASN A 4 1.86 2.03 7.44
C ASN A 4 1.29 2.31 6.04
N LEU A 5 0.03 2.71 5.99
CA LEU A 5 -0.71 2.90 4.75
C LEU A 5 -0.12 4.00 3.85
N ARG A 6 0.45 5.09 4.39
CA ARG A 6 1.23 6.08 3.62
C ARG A 6 2.42 5.41 2.93
N ARG A 7 3.27 4.70 3.66
CA ARG A 7 4.43 3.98 3.09
C ARG A 7 4.00 2.96 2.04
N CYS A 8 2.95 2.20 2.35
CA CYS A 8 2.37 1.21 1.44
C CYS A 8 1.92 1.84 0.10
N GLU A 9 1.18 2.94 0.15
CA GLU A 9 0.76 3.68 -1.05
C GLU A 9 1.96 4.32 -1.77
N LEU A 10 2.75 5.14 -1.09
CA LEU A 10 3.81 5.97 -1.68
C LEU A 10 4.96 5.13 -2.24
N SER A 11 5.19 3.92 -1.71
CA SER A 11 6.16 2.98 -2.31
C SER A 11 5.59 2.35 -3.58
N CYS A 12 4.32 1.94 -3.60
CA CYS A 12 3.77 1.25 -4.76
C CYS A 12 3.38 2.21 -5.90
N ARG A 13 3.06 3.47 -5.57
CA ARG A 13 2.89 4.57 -6.52
C ARG A 13 4.18 4.92 -7.28
N SER A 14 5.33 4.41 -6.83
CA SER A 14 6.59 4.47 -7.59
C SER A 14 6.47 3.70 -8.91
N LEU A 15 5.84 2.53 -8.89
CA LEU A 15 5.54 1.71 -10.07
C LEU A 15 4.22 2.10 -10.75
N GLY A 16 3.27 2.63 -9.96
CA GLY A 16 1.92 3.02 -10.40
C GLY A 16 0.80 2.10 -9.92
N LEU A 17 0.87 1.62 -8.66
CA LEU A 17 -0.18 0.81 -8.03
C LEU A 17 -0.83 1.57 -6.86
N LEU A 18 -2.12 1.35 -6.61
CA LEU A 18 -2.79 1.83 -5.38
C LEU A 18 -2.60 0.85 -4.24
N GLY A 19 -2.09 1.33 -3.11
CA GLY A 19 -1.96 0.57 -1.88
C GLY A 19 -3.20 0.62 -0.98
N ALA A 20 -3.46 -0.52 -0.34
CA ALA A 20 -4.48 -0.78 0.66
C ALA A 20 -3.86 -1.61 1.80
N CYS A 21 -4.59 -1.77 2.89
CA CYS A 21 -4.20 -2.68 3.98
C CYS A 21 -5.38 -3.54 4.46
N ILE A 22 -5.25 -4.86 4.28
CA ILE A 22 -6.24 -5.88 4.62
C ILE A 22 -5.98 -6.33 6.06
N GLY A 23 -6.85 -5.95 7.00
CA GLY A 23 -6.71 -6.25 8.44
C GLY A 23 -5.51 -5.55 9.09
N GLU A 24 -4.31 -6.09 8.87
CA GLU A 24 -3.01 -5.58 9.32
C GLU A 24 -1.90 -5.73 8.24
N GLU A 25 -2.24 -6.20 7.04
CA GLU A 25 -1.29 -6.50 5.96
C GLU A 25 -1.41 -5.51 4.79
N CYS A 26 -0.33 -4.77 4.50
CA CYS A 26 -0.22 -3.95 3.29
C CYS A 26 -0.18 -4.81 2.01
N LYS A 27 -0.93 -4.40 0.99
CA LYS A 27 -0.91 -4.89 -0.40
C LYS A 27 -1.16 -3.71 -1.36
N CYS A 28 -0.74 -3.81 -2.62
CA CYS A 28 -0.97 -2.79 -3.64
C CYS A 28 -1.21 -3.41 -5.02
N VAL A 29 -2.02 -2.78 -5.89
CA VAL A 29 -2.51 -3.35 -7.16
C VAL A 29 -2.66 -2.28 -8.28
N PRO A 30 -2.55 -2.65 -9.57
CA PRO A 30 -2.57 -1.70 -10.68
C PRO A 30 -3.84 -0.84 -10.79
N TYR A 31 -3.70 0.33 -11.44
CA TYR A 31 -4.80 1.20 -11.87
C TYR A 31 -5.75 0.49 -12.84
N ALA A 1 2.33 -8.23 13.25
CA ALA A 1 2.89 -7.04 12.60
C ALA A 1 1.89 -5.88 12.60
N PHE A 2 2.35 -4.66 12.27
CA PHE A 2 1.51 -3.48 12.01
C PHE A 2 1.84 -2.84 10.65
N CYS A 3 0.87 -2.18 10.01
CA CYS A 3 1.05 -1.51 8.72
C CYS A 3 1.00 0.03 8.80
N ASN A 4 1.46 0.67 7.72
CA ASN A 4 1.47 2.11 7.47
C ASN A 4 0.73 2.37 6.15
N LEU A 5 -0.55 2.74 6.21
CA LEU A 5 -1.36 3.00 5.01
C LEU A 5 -0.71 4.02 4.06
N ARG A 6 -0.20 5.14 4.61
CA ARG A 6 0.42 6.24 3.84
C ARG A 6 1.79 5.89 3.25
N ARG A 7 2.52 4.97 3.87
CA ARG A 7 3.75 4.36 3.30
C ARG A 7 3.39 3.33 2.23
N CYS A 8 2.43 2.46 2.52
CA CYS A 8 1.98 1.40 1.62
C CYS A 8 1.56 1.95 0.24
N GLU A 9 0.76 3.04 0.21
CA GLU A 9 0.43 3.73 -1.03
C GLU A 9 1.68 4.26 -1.75
N LEU A 10 2.56 5.01 -1.06
CA LEU A 10 3.73 5.70 -1.66
C LEU A 10 4.86 4.74 -2.10
N SER A 11 5.01 3.60 -1.43
CA SER A 11 5.92 2.54 -1.84
C SER A 11 5.43 1.88 -3.13
N CYS A 12 4.12 1.65 -3.25
CA CYS A 12 3.49 1.12 -4.47
C CYS A 12 3.38 2.17 -5.59
N ARG A 13 3.38 3.47 -5.23
CA ARG A 13 3.45 4.60 -6.17
C ARG A 13 4.75 4.63 -6.98
N SER A 14 5.81 3.98 -6.51
CA SER A 14 7.04 3.78 -7.29
C SER A 14 6.81 2.83 -8.48
N LEU A 15 6.07 1.73 -8.27
CA LEU A 15 5.69 0.77 -9.32
C LEU A 15 4.48 1.24 -10.15
N GLY A 16 3.66 2.14 -9.59
CA GLY A 16 2.52 2.79 -10.25
C GLY A 16 1.16 2.11 -10.02
N LEU A 17 0.91 1.55 -8.82
CA LEU A 17 -0.36 0.92 -8.43
C LEU A 17 -0.88 1.41 -7.07
N LEU A 18 -2.20 1.44 -6.88
CA LEU A 18 -2.91 1.97 -5.70
C LEU A 18 -2.78 1.06 -4.48
N GLY A 19 -2.25 1.57 -3.36
CA GLY A 19 -2.08 0.77 -2.14
C GLY A 19 -3.22 0.90 -1.11
N ALA A 20 -3.40 -0.20 -0.37
CA ALA A 20 -4.24 -0.33 0.82
C ALA A 20 -3.68 -1.43 1.73
N CYS A 21 -4.01 -1.38 3.02
CA CYS A 21 -3.64 -2.40 4.00
C CYS A 21 -4.84 -3.26 4.44
N ILE A 22 -4.69 -4.58 4.45
CA ILE A 22 -5.68 -5.55 4.93
C ILE A 22 -5.28 -5.98 6.34
N GLY A 23 -5.82 -5.30 7.35
CA GLY A 23 -5.48 -5.50 8.76
C GLY A 23 -4.07 -5.02 9.11
N GLU A 24 -3.07 -5.87 8.81
CA GLU A 24 -1.64 -5.59 8.97
C GLU A 24 -0.80 -5.87 7.71
N GLU A 25 -1.41 -6.34 6.61
CA GLU A 25 -0.71 -6.67 5.36
C GLU A 25 -0.92 -5.60 4.29
N CYS A 26 0.14 -4.93 3.84
CA CYS A 26 0.07 -4.01 2.70
C CYS A 26 -0.05 -4.77 1.36
N LYS A 27 -0.97 -4.31 0.50
CA LYS A 27 -1.19 -4.76 -0.89
C LYS A 27 -1.44 -3.56 -1.80
N CYS A 28 -1.17 -3.68 -3.10
CA CYS A 28 -1.56 -2.67 -4.09
C CYS A 28 -2.16 -3.30 -5.36
N VAL A 29 -2.98 -2.52 -6.10
CA VAL A 29 -3.75 -2.98 -7.27
C VAL A 29 -3.76 -1.92 -8.40
N PRO A 30 -3.98 -2.31 -9.67
CA PRO A 30 -4.05 -1.36 -10.78
C PRO A 30 -5.18 -0.32 -10.66
N TYR A 31 -4.96 0.85 -11.26
CA TYR A 31 -5.92 1.97 -11.35
C TYR A 31 -7.14 1.62 -12.20
N ALA A 1 -5.71 -2.81 15.09
CA ALA A 1 -4.61 -3.19 14.17
C ALA A 1 -3.87 -1.97 13.64
N PHE A 2 -2.54 -2.07 13.52
CA PHE A 2 -1.64 -1.00 13.06
C PHE A 2 -0.91 -1.37 11.74
N CYS A 3 -0.79 -0.41 10.83
CA CYS A 3 -0.24 -0.59 9.47
C CYS A 3 0.33 0.71 8.88
N ASN A 4 1.46 0.64 8.17
CA ASN A 4 2.00 1.77 7.39
C ASN A 4 1.40 1.85 5.99
N LEU A 5 0.08 2.08 5.94
CA LEU A 5 -0.66 2.38 4.72
C LEU A 5 -0.04 3.56 3.96
N ARG A 6 0.44 4.60 4.66
CA ARG A 6 1.14 5.75 4.04
C ARG A 6 2.36 5.31 3.22
N ARG A 7 3.29 4.57 3.85
CA ARG A 7 4.49 4.04 3.18
C ARG A 7 4.12 3.09 2.05
N CYS A 8 3.16 2.20 2.31
CA CYS A 8 2.65 1.26 1.31
C CYS A 8 2.12 1.98 0.05
N GLU A 9 1.24 2.97 0.19
CA GLU A 9 0.70 3.70 -0.96
C GLU A 9 1.80 4.47 -1.72
N LEU A 10 2.64 5.25 -1.02
CA LEU A 10 3.67 6.08 -1.65
C LEU A 10 4.75 5.22 -2.35
N SER A 11 5.09 4.07 -1.77
CA SER A 11 6.02 3.09 -2.37
C SER A 11 5.43 2.39 -3.59
N CYS A 12 4.13 2.07 -3.58
CA CYS A 12 3.48 1.39 -4.71
C CYS A 12 3.21 2.38 -5.85
N ARG A 13 2.92 3.65 -5.55
CA ARG A 13 2.78 4.72 -6.54
C ARG A 13 4.09 4.98 -7.29
N SER A 14 5.24 4.84 -6.61
CA SER A 14 6.57 4.87 -7.24
C SER A 14 6.78 3.77 -8.29
N LEU A 15 6.09 2.63 -8.17
CA LEU A 15 6.06 1.53 -9.15
C LEU A 15 4.94 1.66 -10.20
N GLY A 16 3.81 2.27 -9.83
CA GLY A 16 2.61 2.43 -10.67
C GLY A 16 1.36 1.68 -10.21
N LEU A 17 1.16 1.46 -8.90
CA LEU A 17 0.01 0.74 -8.33
C LEU A 17 -0.56 1.41 -7.05
N LEU A 18 -1.87 1.25 -6.82
CA LEU A 18 -2.62 1.81 -5.68
C LEU A 18 -2.69 0.84 -4.50
N GLY A 19 -2.46 1.32 -3.27
CA GLY A 19 -2.40 0.50 -2.07
C GLY A 19 -3.60 0.62 -1.13
N ALA A 20 -3.95 -0.51 -0.51
CA ALA A 20 -4.92 -0.63 0.57
C ALA A 20 -4.47 -1.69 1.59
N CYS A 21 -4.70 -1.41 2.88
CA CYS A 21 -4.29 -2.26 4.02
C CYS A 21 -5.47 -2.90 4.75
N ILE A 22 -5.40 -4.21 4.96
CA ILE A 22 -6.35 -5.00 5.77
C ILE A 22 -5.69 -5.35 7.11
N GLY A 23 -6.18 -4.72 8.18
CA GLY A 23 -5.61 -4.81 9.52
C GLY A 23 -4.15 -4.34 9.56
N GLU A 24 -3.22 -5.30 9.58
CA GLU A 24 -1.76 -5.09 9.61
C GLU A 24 -1.05 -5.39 8.27
N GLU A 25 -1.73 -5.98 7.28
CA GLU A 25 -1.15 -6.39 5.99
C GLU A 25 -1.60 -5.49 4.83
N CYS A 26 -0.66 -4.85 4.13
CA CYS A 26 -0.94 -4.00 2.98
C CYS A 26 -0.57 -4.63 1.63
N LYS A 27 -1.43 -4.45 0.62
CA LYS A 27 -1.19 -4.85 -0.77
C LYS A 27 -1.62 -3.75 -1.76
N CYS A 28 -0.97 -3.70 -2.92
CA CYS A 28 -1.27 -2.73 -3.98
C CYS A 28 -1.53 -3.38 -5.36
N VAL A 29 -2.39 -2.75 -6.18
CA VAL A 29 -2.92 -3.27 -7.46
C VAL A 29 -2.94 -2.18 -8.55
N PRO A 30 -3.03 -2.53 -9.85
CA PRO A 30 -2.97 -1.57 -10.96
C PRO A 30 -3.96 -0.39 -10.92
N TYR A 31 -3.58 0.70 -11.61
CA TYR A 31 -4.38 1.93 -11.77
C TYR A 31 -5.70 1.70 -12.52
N ALA A 1 -0.21 -6.08 15.27
CA ALA A 1 -0.06 -4.66 14.95
C ALA A 1 -1.05 -4.23 13.86
N PHE A 2 -1.06 -2.95 13.50
CA PHE A 2 -1.82 -2.40 12.37
C PHE A 2 -0.93 -1.84 11.26
N CYS A 3 -1.43 -1.84 10.02
CA CYS A 3 -0.69 -1.47 8.82
C CYS A 3 -0.19 -0.02 8.78
N ASN A 4 0.82 0.23 7.93
CA ASN A 4 1.31 1.55 7.52
C ASN A 4 0.88 1.81 6.07
N LEU A 5 -0.38 2.21 5.90
CA LEU A 5 -0.99 2.45 4.58
C LEU A 5 -0.23 3.53 3.80
N ARG A 6 0.30 4.58 4.45
CA ARG A 6 1.07 5.63 3.77
C ARG A 6 2.41 5.13 3.23
N ARG A 7 3.20 4.35 3.99
CA ARG A 7 4.44 3.73 3.47
C ARG A 7 4.13 2.83 2.28
N CYS A 8 3.11 1.99 2.44
CA CYS A 8 2.64 1.06 1.42
C CYS A 8 2.23 1.78 0.12
N GLU A 9 1.37 2.80 0.22
CA GLU A 9 0.94 3.62 -0.92
C GLU A 9 2.10 4.34 -1.60
N LEU A 10 3.00 4.96 -0.84
CA LEU A 10 4.13 5.73 -1.39
C LEU A 10 5.18 4.82 -2.03
N SER A 11 5.47 3.62 -1.49
CA SER A 11 6.35 2.66 -2.16
C SER A 11 5.77 2.10 -3.47
N CYS A 12 4.45 2.03 -3.62
CA CYS A 12 3.79 1.54 -4.86
C CYS A 12 3.44 2.65 -5.86
N ARG A 13 3.36 3.91 -5.41
CA ARG A 13 3.19 5.10 -6.27
C ARG A 13 4.33 5.22 -7.28
N SER A 14 5.52 4.76 -6.92
CA SER A 14 6.67 4.62 -7.83
C SER A 14 6.46 3.58 -8.95
N LEU A 15 5.54 2.64 -8.77
CA LEU A 15 5.26 1.49 -9.63
C LEU A 15 3.91 1.58 -10.37
N GLY A 16 3.16 2.66 -10.17
CA GLY A 16 1.84 2.87 -10.79
C GLY A 16 0.72 1.99 -10.22
N LEU A 17 0.78 1.64 -8.91
CA LEU A 17 -0.22 0.82 -8.22
C LEU A 17 -0.85 1.60 -7.06
N LEU A 18 -2.15 1.41 -6.85
CA LEU A 18 -2.86 1.91 -5.66
C LEU A 18 -2.76 0.89 -4.50
N GLY A 19 -2.43 1.34 -3.30
CA GLY A 19 -2.38 0.49 -2.09
C GLY A 19 -3.74 0.27 -1.39
N ALA A 20 -3.82 -0.82 -0.63
CA ALA A 20 -4.98 -1.25 0.17
C ALA A 20 -4.52 -2.06 1.41
N CYS A 21 -5.01 -1.65 2.59
CA CYS A 21 -4.65 -2.23 3.89
C CYS A 21 -5.58 -3.41 4.29
N ILE A 22 -5.00 -4.58 4.59
CA ILE A 22 -5.65 -5.76 5.14
C ILE A 22 -5.68 -5.73 6.68
N GLY A 23 -5.88 -4.55 7.26
CA GLY A 23 -5.89 -4.28 8.70
C GLY A 23 -4.50 -4.31 9.35
N GLU A 24 -3.88 -5.49 9.42
CA GLU A 24 -2.53 -5.70 9.99
C GLU A 24 -1.39 -5.28 9.03
N GLU A 25 -1.62 -5.36 7.72
CA GLU A 25 -0.60 -5.22 6.67
C GLU A 25 -1.17 -4.46 5.45
N CYS A 26 -0.35 -4.21 4.43
CA CYS A 26 -0.79 -3.55 3.20
C CYS A 26 -0.03 -4.00 1.95
N LYS A 27 -0.78 -4.10 0.84
CA LYS A 27 -0.38 -4.52 -0.53
C LYS A 27 -0.95 -3.51 -1.54
N CYS A 28 -0.59 -3.62 -2.83
CA CYS A 28 -1.02 -2.68 -3.89
C CYS A 28 -1.33 -3.37 -5.25
N VAL A 29 -2.13 -2.70 -6.09
CA VAL A 29 -2.73 -3.22 -7.34
C VAL A 29 -2.82 -2.18 -8.48
N PRO A 30 -2.84 -2.56 -9.78
CA PRO A 30 -2.88 -1.62 -10.91
C PRO A 30 -4.16 -0.78 -11.01
N TYR A 31 -4.06 0.44 -11.56
CA TYR A 31 -5.19 1.36 -11.84
C TYR A 31 -6.16 0.82 -12.91
N ALA A 1 4.85 -7.02 8.77
CA ALA A 1 4.64 -6.37 10.07
C ALA A 1 4.78 -4.85 9.97
N PHE A 2 4.34 -4.12 11.00
CA PHE A 2 4.36 -2.65 11.11
C PHE A 2 3.68 -1.95 9.91
N CYS A 3 2.35 -2.08 9.81
CA CYS A 3 1.58 -1.42 8.76
C CYS A 3 1.64 0.11 8.84
N ASN A 4 1.54 0.74 7.67
CA ASN A 4 1.33 2.17 7.45
C ASN A 4 0.71 2.31 6.06
N LEU A 5 -0.52 2.82 6.03
CA LEU A 5 -1.28 3.00 4.79
C LEU A 5 -0.53 3.92 3.82
N ARG A 6 0.03 5.03 4.33
CA ARG A 6 0.80 5.99 3.53
C ARG A 6 2.07 5.36 2.96
N ARG A 7 2.88 4.66 3.76
CA ARG A 7 4.11 3.99 3.27
C ARG A 7 3.80 2.92 2.22
N CYS A 8 2.72 2.17 2.42
CA CYS A 8 2.25 1.18 1.45
C CYS A 8 1.83 1.82 0.11
N GLU A 9 1.09 2.92 0.14
CA GLU A 9 0.76 3.68 -1.08
C GLU A 9 2.00 4.29 -1.75
N LEU A 10 2.85 4.99 -0.99
CA LEU A 10 4.00 5.74 -1.47
C LEU A 10 5.13 4.84 -2.02
N SER A 11 5.29 3.62 -1.47
CA SER A 11 6.23 2.61 -2.00
C SER A 11 5.76 2.01 -3.33
N CYS A 12 4.44 1.95 -3.57
CA CYS A 12 3.85 1.43 -4.82
C CYS A 12 3.47 2.51 -5.84
N ARG A 13 3.45 3.78 -5.44
CA ARG A 13 3.32 4.95 -6.32
C ARG A 13 4.41 4.94 -7.39
N SER A 14 5.62 4.49 -7.03
CA SER A 14 6.73 4.27 -7.97
C SER A 14 6.42 3.17 -9.00
N LEU A 15 5.68 2.14 -8.59
CA LEU A 15 5.21 1.03 -9.45
C LEU A 15 3.91 1.36 -10.21
N GLY A 16 3.30 2.53 -9.98
CA GLY A 16 2.03 2.93 -10.61
C GLY A 16 0.81 2.17 -10.09
N LEU A 17 0.75 1.90 -8.79
CA LEU A 17 -0.30 1.13 -8.11
C LEU A 17 -0.83 1.87 -6.86
N LEU A 18 -2.14 1.73 -6.59
CA LEU A 18 -2.77 2.16 -5.34
C LEU A 18 -2.43 1.14 -4.26
N GLY A 19 -1.93 1.57 -3.09
CA GLY A 19 -1.71 0.68 -1.95
C GLY A 19 -2.78 0.73 -0.85
N ALA A 20 -2.91 -0.37 -0.14
CA ALA A 20 -3.67 -0.54 1.10
C ALA A 20 -2.88 -1.47 2.04
N CYS A 21 -2.72 -1.05 3.29
CA CYS A 21 -2.11 -1.88 4.33
C CYS A 21 -3.21 -2.47 5.23
N ILE A 22 -3.14 -3.78 5.51
CA ILE A 22 -4.17 -4.57 6.18
C ILE A 22 -3.58 -5.20 7.45
N GLY A 23 -3.69 -4.47 8.57
CA GLY A 23 -3.25 -4.87 9.92
C GLY A 23 -1.72 -4.91 10.12
N GLU A 24 -1.03 -5.71 9.29
CA GLU A 24 0.43 -5.93 9.36
C GLU A 24 1.09 -6.06 7.98
N GLU A 25 0.33 -6.28 6.91
CA GLU A 25 0.82 -6.57 5.55
C GLU A 25 0.34 -5.51 4.53
N CYS A 26 1.22 -5.09 3.61
CA CYS A 26 0.89 -4.17 2.53
C CYS A 26 0.57 -4.89 1.21
N LYS A 27 -0.45 -4.42 0.49
CA LYS A 27 -0.84 -4.86 -0.85
C LYS A 27 -1.22 -3.67 -1.75
N CYS A 28 -0.78 -3.68 -3.01
CA CYS A 28 -1.11 -2.62 -3.96
C CYS A 28 -1.59 -3.17 -5.32
N VAL A 29 -2.37 -2.37 -6.07
CA VAL A 29 -3.12 -2.77 -7.28
C VAL A 29 -3.07 -1.70 -8.39
N PRO A 30 -3.05 -2.05 -9.70
CA PRO A 30 -2.78 -1.09 -10.78
C PRO A 30 -3.74 0.10 -10.90
N TYR A 31 -3.18 1.28 -11.18
CA TYR A 31 -3.85 2.57 -11.45
C TYR A 31 -4.92 2.53 -12.54
N ALA A 1 -0.02 -6.89 14.48
CA ALA A 1 1.08 -6.02 14.01
C ALA A 1 0.54 -4.70 13.48
N PHE A 2 1.35 -3.63 13.51
CA PHE A 2 1.03 -2.32 12.95
C PHE A 2 1.12 -2.30 11.41
N CYS A 3 0.70 -1.16 10.83
CA CYS A 3 0.91 -0.84 9.41
C CYS A 3 0.98 0.69 9.20
N ASN A 4 1.75 1.14 8.19
CA ASN A 4 1.73 2.52 7.70
C ASN A 4 1.14 2.52 6.29
N LEU A 5 -0.16 2.80 6.21
CA LEU A 5 -0.91 2.95 4.97
C LEU A 5 -0.27 3.98 4.03
N ARG A 6 0.23 5.10 4.58
CA ARG A 6 0.96 6.11 3.80
C ARG A 6 2.23 5.56 3.15
N ARG A 7 3.09 4.84 3.88
CA ARG A 7 4.28 4.20 3.28
C ARG A 7 3.90 3.11 2.28
N CYS A 8 2.87 2.32 2.60
CA CYS A 8 2.37 1.26 1.73
C CYS A 8 1.89 1.80 0.37
N GLU A 9 1.18 2.93 0.38
CA GLU A 9 0.77 3.62 -0.85
C GLU A 9 1.95 4.18 -1.64
N LEU A 10 2.82 4.97 -1.00
CA LEU A 10 3.93 5.68 -1.65
C LEU A 10 4.99 4.71 -2.18
N SER A 11 5.26 3.62 -1.46
CA SER A 11 6.22 2.59 -1.90
C SER A 11 5.76 1.82 -3.14
N CYS A 12 4.45 1.80 -3.45
CA CYS A 12 3.92 1.23 -4.70
C CYS A 12 3.56 2.28 -5.77
N ARG A 13 3.40 3.55 -5.40
CA ARG A 13 3.11 4.64 -6.34
C ARG A 13 4.23 4.83 -7.36
N SER A 14 5.49 4.47 -7.01
CA SER A 14 6.61 4.44 -7.96
C SER A 14 6.54 3.35 -9.03
N LEU A 15 5.67 2.35 -8.83
CA LEU A 15 5.34 1.30 -9.82
C LEU A 15 4.07 1.61 -10.61
N GLY A 16 3.25 2.58 -10.17
CA GLY A 16 1.99 2.98 -10.76
C GLY A 16 0.75 2.28 -10.19
N LEU A 17 0.79 1.88 -8.91
CA LEU A 17 -0.29 1.14 -8.24
C LEU A 17 -0.98 1.98 -7.16
N LEU A 18 -2.16 1.52 -6.73
CA LEU A 18 -2.91 2.00 -5.56
C LEU A 18 -2.67 1.03 -4.40
N GLY A 19 -2.07 1.50 -3.30
CA GLY A 19 -1.91 0.71 -2.07
C GLY A 19 -3.08 0.83 -1.08
N ALA A 20 -3.34 -0.30 -0.41
CA ALA A 20 -4.22 -0.46 0.75
C ALA A 20 -3.52 -1.37 1.78
N CYS A 21 -3.90 -1.25 3.05
CA CYS A 21 -3.40 -2.13 4.11
C CYS A 21 -4.56 -2.88 4.76
N ILE A 22 -4.69 -4.16 4.40
CA ILE A 22 -5.80 -5.03 4.78
C ILE A 22 -5.59 -5.47 6.22
N GLY A 23 -6.14 -4.70 7.15
CA GLY A 23 -5.86 -4.81 8.58
C GLY A 23 -4.42 -4.38 8.85
N GLU A 24 -3.52 -5.34 8.96
CA GLU A 24 -2.07 -5.13 9.07
C GLU A 24 -1.28 -5.48 7.78
N GLU A 25 -1.90 -6.11 6.78
CA GLU A 25 -1.22 -6.60 5.58
C GLU A 25 -1.21 -5.57 4.44
N CYS A 26 -0.06 -4.93 4.21
CA CYS A 26 0.12 -4.02 3.09
C CYS A 26 0.13 -4.77 1.74
N LYS A 27 -0.62 -4.25 0.76
CA LYS A 27 -0.64 -4.69 -0.64
C LYS A 27 -1.13 -3.58 -1.59
N CYS A 28 -0.81 -3.69 -2.87
CA CYS A 28 -1.07 -2.64 -3.86
C CYS A 28 -1.34 -3.24 -5.26
N VAL A 29 -2.21 -2.58 -6.03
CA VAL A 29 -2.78 -3.09 -7.29
C VAL A 29 -2.93 -2.01 -8.37
N PRO A 30 -3.04 -2.39 -9.66
CA PRO A 30 -3.29 -1.42 -10.74
C PRO A 30 -4.60 -0.65 -10.56
N TYR A 31 -4.61 0.61 -11.05
CA TYR A 31 -5.77 1.51 -11.12
C TYR A 31 -6.87 0.93 -12.01
N ALA A 1 -1.62 2.20 17.21
CA ALA A 1 -1.12 2.50 15.86
C ALA A 1 -1.88 1.69 14.83
N PHE A 2 -2.28 2.29 13.71
CA PHE A 2 -2.84 1.57 12.56
C PHE A 2 -1.72 1.00 11.68
N CYS A 3 -2.06 0.39 10.55
CA CYS A 3 -1.10 0.05 9.50
C CYS A 3 -0.46 1.34 8.93
N ASN A 4 0.79 1.29 8.46
CA ASN A 4 1.40 2.41 7.71
C ASN A 4 0.88 2.48 6.27
N LEU A 5 -0.40 2.80 6.12
CA LEU A 5 -1.12 2.81 4.84
C LEU A 5 -0.54 3.84 3.87
N ARG A 6 -0.12 5.03 4.33
CA ARG A 6 0.58 6.00 3.47
C ARG A 6 1.92 5.44 2.97
N ARG A 7 2.74 4.81 3.81
CA ARG A 7 3.99 4.16 3.38
C ARG A 7 3.72 3.03 2.39
N CYS A 8 2.71 2.21 2.68
CA CYS A 8 2.23 1.15 1.78
C CYS A 8 1.80 1.68 0.39
N GLU A 9 1.03 2.76 0.33
CA GLU A 9 0.58 3.40 -0.91
C GLU A 9 1.74 4.07 -1.68
N LEU A 10 2.64 4.80 -0.99
CA LEU A 10 3.81 5.47 -1.59
C LEU A 10 4.87 4.47 -2.06
N SER A 11 5.02 3.35 -1.36
CA SER A 11 5.86 2.21 -1.76
C SER A 11 5.46 1.65 -3.13
N CYS A 12 4.16 1.61 -3.44
CA CYS A 12 3.66 1.15 -4.73
C CYS A 12 3.41 2.26 -5.76
N ARG A 13 3.36 3.54 -5.35
CA ARG A 13 3.38 4.68 -6.29
C ARG A 13 4.68 4.66 -7.12
N SER A 14 5.77 4.14 -6.55
CA SER A 14 7.04 3.84 -7.24
C SER A 14 6.89 2.83 -8.39
N LEU A 15 5.79 2.08 -8.42
CA LEU A 15 5.35 1.13 -9.48
C LEU A 15 4.07 1.61 -10.20
N GLY A 16 3.54 2.78 -9.80
CA GLY A 16 2.34 3.42 -10.35
C GLY A 16 1.00 2.91 -9.81
N LEU A 17 0.96 2.15 -8.70
CA LEU A 17 -0.25 1.43 -8.22
C LEU A 17 -0.89 2.07 -6.98
N LEU A 18 -2.18 1.79 -6.79
CA LEU A 18 -2.92 2.08 -5.55
C LEU A 18 -2.60 1.02 -4.51
N GLY A 19 -2.10 1.40 -3.34
CA GLY A 19 -2.00 0.49 -2.19
C GLY A 19 -3.28 0.44 -1.35
N ALA A 20 -3.46 -0.66 -0.63
CA ALA A 20 -4.47 -0.87 0.40
C ALA A 20 -3.89 -1.79 1.49
N CYS A 21 -4.35 -1.62 2.73
CA CYS A 21 -3.94 -2.45 3.87
C CYS A 21 -5.11 -3.26 4.46
N ILE A 22 -4.83 -4.52 4.85
CA ILE A 22 -5.77 -5.43 5.51
C ILE A 22 -5.26 -5.74 6.92
N GLY A 23 -5.69 -4.92 7.88
CA GLY A 23 -5.34 -4.99 9.31
C GLY A 23 -3.90 -4.55 9.64
N GLU A 24 -2.91 -5.19 9.01
CA GLU A 24 -1.48 -4.89 9.18
C GLU A 24 -0.59 -5.18 7.95
N GLU A 25 -0.99 -6.06 7.04
CA GLU A 25 -0.24 -6.33 5.79
C GLU A 25 -0.91 -5.65 4.58
N CYS A 26 -0.11 -5.08 3.69
CA CYS A 26 -0.58 -4.22 2.62
C CYS A 26 -0.08 -4.64 1.23
N LYS A 27 -1.01 -4.62 0.27
CA LYS A 27 -0.78 -4.97 -1.14
C LYS A 27 -1.47 -3.94 -2.06
N CYS A 28 -0.94 -3.80 -3.27
CA CYS A 28 -1.30 -2.76 -4.21
C CYS A 28 -1.74 -3.29 -5.59
N VAL A 29 -2.51 -2.49 -6.34
CA VAL A 29 -3.24 -2.85 -7.57
C VAL A 29 -3.28 -1.70 -8.59
N PRO A 30 -3.38 -1.97 -9.90
CA PRO A 30 -3.42 -0.92 -10.93
C PRO A 30 -4.70 -0.05 -10.87
N TYR A 31 -4.60 1.15 -11.46
CA TYR A 31 -5.70 2.12 -11.59
C TYR A 31 -6.75 1.67 -12.61
N ALA A 1 1.98 -2.82 17.24
CA ALA A 1 2.64 -2.48 15.97
C ALA A 1 1.60 -2.34 14.85
N PHE A 2 1.33 -1.12 14.37
CA PHE A 2 0.30 -0.86 13.34
C PHE A 2 0.91 -0.75 11.93
N CYS A 3 0.17 -1.19 10.90
CA CYS A 3 0.56 -0.98 9.50
C CYS A 3 0.54 0.52 9.11
N ASN A 4 1.16 0.89 7.99
CA ASN A 4 1.15 2.26 7.48
C ASN A 4 0.68 2.31 6.02
N LEU A 5 -0.57 2.72 5.84
CA LEU A 5 -1.19 2.96 4.54
C LEU A 5 -0.40 4.02 3.73
N ARG A 6 0.07 5.10 4.35
CA ARG A 6 0.84 6.15 3.64
C ARG A 6 2.16 5.64 3.08
N ARG A 7 2.88 4.79 3.83
CA ARG A 7 4.09 4.09 3.36
C ARG A 7 3.76 3.07 2.26
N CYS A 8 2.74 2.25 2.47
CA CYS A 8 2.30 1.20 1.54
C CYS A 8 1.86 1.76 0.17
N GLU A 9 1.08 2.85 0.18
CA GLU A 9 0.69 3.58 -1.03
C GLU A 9 1.92 4.11 -1.79
N LEU A 10 2.77 4.91 -1.13
CA LEU A 10 3.87 5.61 -1.81
C LEU A 10 5.00 4.67 -2.23
N SER A 11 5.26 3.59 -1.48
CA SER A 11 6.19 2.54 -1.90
C SER A 11 5.76 1.86 -3.20
N CYS A 12 4.47 1.78 -3.48
CA CYS A 12 3.92 1.22 -4.72
C CYS A 12 3.58 2.27 -5.79
N ARG A 13 3.47 3.55 -5.45
CA ARG A 13 3.37 4.66 -6.40
C ARG A 13 4.56 4.70 -7.35
N SER A 14 5.72 4.23 -6.92
CA SER A 14 6.91 4.02 -7.77
C SER A 14 6.65 3.10 -8.98
N LEU A 15 5.65 2.21 -8.89
CA LEU A 15 5.22 1.27 -9.92
C LEU A 15 3.90 1.68 -10.63
N GLY A 16 3.23 2.73 -10.13
CA GLY A 16 1.95 3.25 -10.63
C GLY A 16 0.69 2.65 -9.98
N LEU A 17 0.76 2.22 -8.71
CA LEU A 17 -0.31 1.47 -8.03
C LEU A 17 -0.94 2.21 -6.84
N LEU A 18 -2.13 1.75 -6.45
CA LEU A 18 -2.84 2.05 -5.20
C LEU A 18 -2.56 0.96 -4.15
N GLY A 19 -1.94 1.33 -3.03
CA GLY A 19 -1.77 0.44 -1.86
C GLY A 19 -2.94 0.47 -0.87
N ALA A 20 -3.19 -0.68 -0.25
CA ALA A 20 -4.12 -0.89 0.86
C ALA A 20 -3.56 -2.00 1.77
N CYS A 21 -3.74 -1.89 3.08
CA CYS A 21 -3.16 -2.81 4.06
C CYS A 21 -4.19 -3.42 5.04
N ILE A 22 -4.48 -4.71 4.88
CA ILE A 22 -5.38 -5.47 5.76
C ILE A 22 -4.59 -6.02 6.96
N GLY A 23 -4.75 -5.37 8.11
CA GLY A 23 -4.07 -5.69 9.37
C GLY A 23 -2.59 -5.36 9.37
N GLU A 24 -1.79 -6.13 8.64
CA GLU A 24 -0.31 -6.06 8.64
C GLU A 24 0.35 -6.32 7.26
N GLU A 25 -0.41 -6.72 6.23
CA GLU A 25 0.13 -7.00 4.89
C GLU A 25 -0.21 -5.90 3.89
N CYS A 26 0.81 -5.25 3.33
CA CYS A 26 0.63 -4.26 2.26
C CYS A 26 0.37 -4.97 0.91
N LYS A 27 -0.76 -4.64 0.28
CA LYS A 27 -1.13 -5.10 -1.06
C LYS A 27 -1.46 -3.91 -1.94
N CYS A 28 -0.79 -3.80 -3.08
CA CYS A 28 -0.97 -2.69 -4.02
C CYS A 28 -1.28 -3.16 -5.44
N VAL A 29 -2.16 -2.44 -6.13
CA VAL A 29 -2.77 -2.84 -7.42
C VAL A 29 -3.01 -1.61 -8.31
N PRO A 30 -3.12 -1.73 -9.65
CA PRO A 30 -3.21 -0.58 -10.55
C PRO A 30 -4.46 0.30 -10.30
N TYR A 31 -4.35 1.59 -10.62
CA TYR A 31 -5.49 2.54 -10.67
C TYR A 31 -6.59 2.06 -11.62
N ALA A 1 1.33 -7.59 13.82
CA ALA A 1 1.95 -6.56 12.98
C ALA A 1 0.88 -5.60 12.42
N PHE A 2 1.15 -4.29 12.37
CA PHE A 2 0.24 -3.29 11.79
C PHE A 2 0.73 -2.79 10.42
N CYS A 3 -0.19 -2.35 9.57
CA CYS A 3 0.11 -1.68 8.29
C CYS A 3 0.86 -0.35 8.46
N ASN A 4 1.53 0.10 7.40
CA ASN A 4 2.08 1.44 7.25
C ASN A 4 1.58 1.99 5.92
N LEU A 5 0.29 2.32 5.85
CA LEU A 5 -0.39 2.65 4.61
C LEU A 5 0.20 3.89 3.90
N ARG A 6 0.74 4.87 4.64
CA ARG A 6 1.50 5.99 4.06
C ARG A 6 2.83 5.59 3.41
N ARG A 7 3.49 4.52 3.87
CA ARG A 7 4.64 3.93 3.18
C ARG A 7 4.19 3.04 2.02
N CYS A 8 3.22 2.17 2.28
CA CYS A 8 2.69 1.22 1.29
C CYS A 8 2.18 1.94 0.04
N GLU A 9 1.37 3.00 0.18
CA GLU A 9 0.91 3.79 -0.96
C GLU A 9 2.06 4.53 -1.66
N LEU A 10 2.91 5.27 -0.96
CA LEU A 10 3.93 6.11 -1.61
C LEU A 10 5.09 5.30 -2.23
N SER A 11 5.42 4.14 -1.66
CA SER A 11 6.39 3.20 -2.24
C SER A 11 5.81 2.43 -3.44
N CYS A 12 4.52 2.09 -3.45
CA CYS A 12 3.89 1.40 -4.61
C CYS A 12 3.39 2.37 -5.68
N ARG A 13 3.11 3.63 -5.36
CA ARG A 13 2.79 4.71 -6.31
C ARG A 13 3.95 4.98 -7.25
N SER A 14 5.19 4.85 -6.76
CA SER A 14 6.40 4.86 -7.59
C SER A 14 6.36 3.78 -8.69
N LEU A 15 5.78 2.62 -8.36
CA LEU A 15 5.58 1.45 -9.24
C LEU A 15 4.25 1.48 -10.04
N GLY A 16 3.46 2.56 -9.91
CA GLY A 16 2.21 2.78 -10.65
C GLY A 16 0.98 2.03 -10.11
N LEU A 17 0.92 1.73 -8.80
CA LEU A 17 -0.13 0.92 -8.18
C LEU A 17 -1.04 1.73 -7.21
N LEU A 18 -2.11 1.09 -6.75
CA LEU A 18 -3.01 1.55 -5.67
C LEU A 18 -2.89 0.62 -4.45
N GLY A 19 -2.52 1.15 -3.29
CA GLY A 19 -2.41 0.44 -2.01
C GLY A 19 -3.69 0.41 -1.17
N ALA A 20 -3.96 -0.73 -0.54
CA ALA A 20 -4.98 -0.93 0.48
C ALA A 20 -4.55 -1.93 1.58
N CYS A 21 -4.93 -1.63 2.83
CA CYS A 21 -4.64 -2.40 4.03
C CYS A 21 -5.85 -3.23 4.53
N ILE A 22 -5.60 -4.49 4.90
CA ILE A 22 -6.56 -5.37 5.58
C ILE A 22 -5.86 -6.07 6.77
N GLY A 23 -6.35 -5.83 7.99
CA GLY A 23 -5.90 -6.50 9.22
C GLY A 23 -4.44 -6.22 9.57
N GLU A 24 -3.56 -7.12 9.18
CA GLU A 24 -2.12 -7.12 9.51
C GLU A 24 -1.19 -6.86 8.29
N GLU A 25 -1.75 -6.71 7.08
CA GLU A 25 -0.99 -6.68 5.82
C GLU A 25 -1.53 -5.66 4.80
N CYS A 26 -0.63 -5.02 4.04
CA CYS A 26 -0.97 -4.11 2.94
C CYS A 26 -0.62 -4.69 1.57
N LYS A 27 -1.57 -4.62 0.63
CA LYS A 27 -1.42 -5.02 -0.78
C LYS A 27 -1.64 -3.82 -1.70
N CYS A 28 -0.73 -3.62 -2.65
CA CYS A 28 -0.87 -2.65 -3.72
C CYS A 28 -1.02 -3.34 -5.10
N VAL A 29 -1.87 -2.80 -5.97
CA VAL A 29 -2.32 -3.46 -7.22
C VAL A 29 -2.42 -2.50 -8.44
N PRO A 30 -2.37 -3.00 -9.69
CA PRO A 30 -2.51 -2.19 -10.90
C PRO A 30 -3.84 -1.41 -11.02
N TYR A 31 -3.83 -0.38 -11.86
CA TYR A 31 -4.98 0.49 -12.19
C TYR A 31 -6.13 -0.25 -12.88
N ALA A 1 -5.66 -4.78 12.39
CA ALA A 1 -4.46 -3.99 12.72
C ALA A 1 -4.26 -2.85 11.72
N PHE A 2 -3.61 -1.76 12.17
CA PHE A 2 -3.37 -0.56 11.37
C PHE A 2 -2.01 -0.59 10.64
N CYS A 3 -2.00 -0.96 9.36
CA CYS A 3 -0.79 -0.93 8.51
C CYS A 3 -0.20 0.48 8.35
N ASN A 4 1.08 0.58 7.95
CA ASN A 4 1.70 1.82 7.46
C ASN A 4 1.19 2.12 6.04
N LEU A 5 -0.07 2.54 5.94
CA LEU A 5 -0.78 2.67 4.68
C LEU A 5 -0.20 3.77 3.78
N ARG A 6 0.28 4.89 4.36
CA ARG A 6 1.01 5.90 3.58
C ARG A 6 2.32 5.37 3.03
N ARG A 7 3.09 4.59 3.81
CA ARG A 7 4.35 3.98 3.33
C ARG A 7 4.11 2.98 2.21
N CYS A 8 3.11 2.12 2.41
CA CYS A 8 2.66 1.15 1.42
C CYS A 8 2.22 1.84 0.11
N GLU A 9 1.40 2.90 0.19
CA GLU A 9 0.99 3.68 -0.98
C GLU A 9 2.18 4.35 -1.68
N LEU A 10 3.05 5.08 -0.97
CA LEU A 10 4.18 5.83 -1.54
C LEU A 10 5.25 4.92 -2.16
N SER A 11 5.52 3.75 -1.57
CA SER A 11 6.40 2.74 -2.16
C SER A 11 5.88 2.23 -3.52
N CYS A 12 4.56 2.04 -3.62
CA CYS A 12 3.92 1.49 -4.81
C CYS A 12 3.51 2.55 -5.84
N ARG A 13 3.40 3.82 -5.44
CA ARG A 13 3.15 4.97 -6.32
C ARG A 13 4.23 5.10 -7.39
N SER A 14 5.48 4.80 -7.03
CA SER A 14 6.61 4.75 -7.97
C SER A 14 6.50 3.61 -9.00
N LEU A 15 5.74 2.57 -8.69
CA LEU A 15 5.43 1.42 -9.57
C LEU A 15 4.08 1.56 -10.30
N GLY A 16 3.30 2.60 -9.97
CA GLY A 16 1.98 2.90 -10.52
C GLY A 16 0.83 2.07 -9.92
N LEU A 17 0.88 1.71 -8.63
CA LEU A 17 -0.13 0.84 -7.98
C LEU A 17 -0.84 1.53 -6.80
N LEU A 18 -2.15 1.28 -6.67
CA LEU A 18 -3.02 1.69 -5.56
C LEU A 18 -2.83 0.77 -4.34
N GLY A 19 -2.34 1.27 -3.21
CA GLY A 19 -2.28 0.53 -1.94
C GLY A 19 -3.59 0.52 -1.13
N ALA A 20 -3.85 -0.58 -0.42
CA ALA A 20 -4.90 -0.76 0.58
C ALA A 20 -4.46 -1.77 1.68
N CYS A 21 -4.79 -1.47 2.94
CA CYS A 21 -4.47 -2.30 4.11
C CYS A 21 -5.50 -3.42 4.31
N ILE A 22 -5.05 -4.67 4.46
CA ILE A 22 -5.93 -5.85 4.56
C ILE A 22 -5.56 -6.66 5.82
N GLY A 23 -6.27 -6.38 6.92
CA GLY A 23 -6.18 -7.03 8.23
C GLY A 23 -4.89 -6.76 9.02
N GLU A 24 -3.74 -6.93 8.38
CA GLU A 24 -2.40 -6.76 8.94
C GLU A 24 -1.33 -6.44 7.89
N GLU A 25 -1.53 -6.83 6.62
CA GLU A 25 -0.55 -6.62 5.55
C GLU A 25 -1.17 -5.81 4.41
N CYS A 26 -0.53 -4.69 4.06
CA CYS A 26 -0.98 -3.83 2.97
C CYS A 26 -0.54 -4.36 1.61
N LYS A 27 -1.49 -4.42 0.66
CA LYS A 27 -1.30 -4.86 -0.73
C LYS A 27 -1.54 -3.68 -1.68
N CYS A 28 -0.79 -3.60 -2.77
CA CYS A 28 -0.99 -2.61 -3.81
C CYS A 28 -1.23 -3.27 -5.20
N VAL A 29 -2.04 -2.64 -6.05
CA VAL A 29 -2.55 -3.23 -7.31
C VAL A 29 -2.62 -2.20 -8.46
N PRO A 30 -2.48 -2.59 -9.74
CA PRO A 30 -2.51 -1.67 -10.88
C PRO A 30 -3.79 -0.83 -10.99
N TYR A 31 -3.69 0.35 -11.61
CA TYR A 31 -4.81 1.25 -11.90
C TYR A 31 -5.81 0.63 -12.87
N ALA A 1 2.25 -2.02 16.90
CA ALA A 1 2.44 -1.01 15.83
C ALA A 1 1.41 -1.19 14.71
N PHE A 2 0.53 -0.21 14.51
CA PHE A 2 -0.48 -0.23 13.44
C PHE A 2 0.13 0.03 12.04
N CYS A 3 -0.63 -0.30 11.00
CA CYS A 3 -0.16 -0.29 9.61
C CYS A 3 0.09 1.12 9.05
N ASN A 4 1.22 1.32 8.39
CA ASN A 4 1.62 2.56 7.70
C ASN A 4 1.04 2.62 6.27
N LEU A 5 -0.23 2.97 6.17
CA LEU A 5 -0.95 3.04 4.90
C LEU A 5 -0.28 3.99 3.90
N ARG A 6 0.24 5.15 4.35
CA ARG A 6 1.03 6.07 3.53
C ARG A 6 2.28 5.41 2.96
N ARG A 7 3.11 4.78 3.79
CA ARG A 7 4.35 4.08 3.34
C ARG A 7 4.03 2.93 2.39
N CYS A 8 2.93 2.22 2.64
CA CYS A 8 2.39 1.21 1.71
C CYS A 8 2.02 1.82 0.34
N GLU A 9 1.22 2.88 0.32
CA GLU A 9 0.77 3.55 -0.91
C GLU A 9 1.93 4.20 -1.70
N LEU A 10 2.81 4.94 -1.02
CA LEU A 10 3.93 5.68 -1.61
C LEU A 10 4.92 4.72 -2.28
N SER A 11 5.27 3.60 -1.62
CA SER A 11 6.21 2.62 -2.18
C SER A 11 5.68 2.02 -3.49
N CYS A 12 4.36 1.83 -3.60
CA CYS A 12 3.75 1.26 -4.80
C CYS A 12 3.36 2.31 -5.85
N ARG A 13 3.19 3.59 -5.47
CA ARG A 13 2.99 4.68 -6.44
C ARG A 13 4.22 4.89 -7.32
N SER A 14 5.42 4.60 -6.81
CA SER A 14 6.65 4.54 -7.62
C SER A 14 6.62 3.46 -8.71
N LEU A 15 5.71 2.48 -8.58
CA LEU A 15 5.43 1.38 -9.52
C LEU A 15 4.08 1.55 -10.26
N GLY A 16 3.36 2.66 -10.02
CA GLY A 16 2.07 2.97 -10.63
C GLY A 16 0.88 2.18 -10.08
N LEU A 17 0.87 1.82 -8.78
CA LEU A 17 -0.21 1.05 -8.14
C LEU A 17 -0.84 1.81 -6.96
N LEU A 18 -2.15 1.60 -6.74
CA LEU A 18 -2.88 2.00 -5.53
C LEU A 18 -2.57 1.04 -4.39
N GLY A 19 -2.15 1.52 -3.23
CA GLY A 19 -2.03 0.69 -2.03
C GLY A 19 -3.31 0.65 -1.16
N ALA A 20 -3.41 -0.41 -0.38
CA ALA A 20 -4.36 -0.64 0.70
C ALA A 20 -3.71 -1.53 1.78
N CYS A 21 -4.21 -1.46 3.01
CA CYS A 21 -3.77 -2.33 4.11
C CYS A 21 -4.93 -3.05 4.81
N ILE A 22 -4.89 -4.38 4.81
CA ILE A 22 -5.88 -5.29 5.38
C ILE A 22 -5.43 -5.67 6.80
N GLY A 23 -5.91 -4.93 7.81
CA GLY A 23 -5.55 -5.05 9.23
C GLY A 23 -4.08 -4.72 9.55
N GLU A 24 -3.16 -5.53 9.07
CA GLU A 24 -1.70 -5.42 9.26
C GLU A 24 -0.91 -5.75 7.97
N GLU A 25 -1.56 -6.25 6.92
CA GLU A 25 -0.93 -6.64 5.66
C GLU A 25 -1.13 -5.56 4.58
N CYS A 26 -0.04 -4.96 4.11
CA CYS A 26 -0.05 -4.07 2.95
C CYS A 26 -0.13 -4.86 1.64
N LYS A 27 -0.94 -4.38 0.70
CA LYS A 27 -1.05 -4.85 -0.69
C LYS A 27 -1.21 -3.63 -1.62
N CYS A 28 -0.83 -3.74 -2.89
CA CYS A 28 -1.06 -2.68 -3.87
C CYS A 28 -1.38 -3.25 -5.27
N VAL A 29 -2.20 -2.53 -6.04
CA VAL A 29 -2.85 -3.00 -7.28
C VAL A 29 -2.97 -1.91 -8.37
N PRO A 30 -3.05 -2.27 -9.67
CA PRO A 30 -3.13 -1.29 -10.77
C PRO A 30 -4.31 -0.29 -10.71
N TYR A 31 -4.10 0.91 -11.25
CA TYR A 31 -5.12 1.97 -11.44
C TYR A 31 -6.25 1.55 -12.36
N ALA A 1 -5.55 -2.54 15.41
CA ALA A 1 -4.21 -2.76 14.83
C ALA A 1 -3.75 -1.56 14.01
N PHE A 2 -2.44 -1.40 13.83
CA PHE A 2 -1.83 -0.30 13.07
C PHE A 2 -1.17 -0.77 11.76
N CYS A 3 -1.23 0.06 10.72
CA CYS A 3 -0.67 -0.21 9.39
C CYS A 3 0.09 1.02 8.83
N ASN A 4 1.23 0.82 8.18
CA ASN A 4 1.90 1.88 7.41
C ASN A 4 1.28 2.02 6.02
N LEU A 5 -0.01 2.35 5.97
CA LEU A 5 -0.80 2.50 4.74
C LEU A 5 -0.18 3.56 3.82
N ARG A 6 0.26 4.70 4.35
CA ARG A 6 0.96 5.75 3.62
C ARG A 6 2.29 5.27 3.02
N ARG A 7 3.11 4.53 3.78
CA ARG A 7 4.39 4.01 3.27
C ARG A 7 4.18 2.96 2.18
N CYS A 8 3.18 2.09 2.38
CA CYS A 8 2.76 1.09 1.41
C CYS A 8 2.31 1.76 0.10
N GLU A 9 1.40 2.73 0.18
CA GLU A 9 0.91 3.51 -0.96
C GLU A 9 2.05 4.20 -1.72
N LEU A 10 2.88 5.01 -1.06
CA LEU A 10 3.92 5.78 -1.75
C LEU A 10 4.99 4.87 -2.39
N SER A 11 5.36 3.77 -1.73
CA SER A 11 6.25 2.74 -2.30
C SER A 11 5.67 2.02 -3.52
N CYS A 12 4.35 1.90 -3.63
CA CYS A 12 3.67 1.32 -4.79
C CYS A 12 3.37 2.37 -5.88
N ARG A 13 3.07 3.63 -5.52
CA ARG A 13 2.73 4.72 -6.44
C ARG A 13 3.91 5.15 -7.30
N SER A 14 5.13 5.08 -6.76
CA SER A 14 6.37 5.28 -7.53
C SER A 14 6.65 4.15 -8.54
N LEU A 15 5.86 3.06 -8.51
CA LEU A 15 5.82 1.96 -9.49
C LEU A 15 4.51 1.92 -10.29
N GLY A 16 3.55 2.80 -9.97
CA GLY A 16 2.23 2.92 -10.61
C GLY A 16 1.14 1.97 -10.08
N LEU A 17 1.16 1.61 -8.79
CA LEU A 17 0.14 0.77 -8.13
C LEU A 17 -0.49 1.46 -6.90
N LEU A 18 -1.78 1.23 -6.67
CA LEU A 18 -2.61 1.77 -5.59
C LEU A 18 -2.68 0.81 -4.39
N GLY A 19 -2.47 1.31 -3.17
CA GLY A 19 -2.46 0.51 -1.93
C GLY A 19 -3.67 0.66 -1.01
N ALA A 20 -4.08 -0.47 -0.44
CA ALA A 20 -5.06 -0.60 0.64
C ALA A 20 -4.62 -1.69 1.64
N CYS A 21 -5.04 -1.54 2.90
CA CYS A 21 -4.59 -2.35 4.04
C CYS A 21 -5.73 -3.02 4.84
N ILE A 22 -5.46 -4.23 5.35
CA ILE A 22 -6.33 -5.03 6.23
C ILE A 22 -5.65 -5.22 7.59
N GLY A 23 -6.00 -4.36 8.56
CA GLY A 23 -5.48 -4.34 9.93
C GLY A 23 -4.02 -3.88 10.03
N GLU A 24 -3.11 -4.73 9.56
CA GLU A 24 -1.65 -4.57 9.56
C GLU A 24 -0.97 -4.98 8.24
N GLU A 25 -1.67 -5.65 7.32
CA GLU A 25 -1.13 -6.17 6.06
C GLU A 25 -1.67 -5.42 4.84
N CYS A 26 -0.79 -4.84 4.03
CA CYS A 26 -1.13 -3.97 2.91
C CYS A 26 -0.80 -4.60 1.54
N LYS A 27 -1.81 -4.69 0.68
CA LYS A 27 -1.70 -5.10 -0.74
C LYS A 27 -1.93 -3.91 -1.66
N CYS A 28 -1.02 -3.72 -2.62
CA CYS A 28 -1.16 -2.74 -3.70
C CYS A 28 -1.27 -3.41 -5.08
N VAL A 29 -1.96 -2.76 -6.01
CA VAL A 29 -2.40 -3.31 -7.30
C VAL A 29 -2.37 -2.24 -8.41
N PRO A 30 -2.10 -2.59 -9.69
CA PRO A 30 -1.98 -1.60 -10.76
C PRO A 30 -3.26 -0.77 -11.01
N TYR A 31 -3.09 0.41 -11.61
CA TYR A 31 -4.18 1.26 -12.11
C TYR A 31 -5.11 0.49 -13.04
N ALA A 1 0.96 -3.39 17.10
CA ALA A 1 1.17 -2.10 16.40
C ALA A 1 0.70 -2.21 14.95
N PHE A 2 0.07 -1.17 14.44
CA PHE A 2 -0.59 -1.14 13.12
C PHE A 2 0.37 -0.84 11.96
N CYS A 3 -0.04 -1.17 10.73
CA CYS A 3 0.74 -0.97 9.50
C CYS A 3 0.88 0.51 9.06
N ASN A 4 1.87 0.79 8.20
CA ASN A 4 2.09 2.09 7.56
C ASN A 4 1.36 2.22 6.22
N LEU A 5 0.04 2.43 6.26
CA LEU A 5 -0.83 2.55 5.08
C LEU A 5 -0.34 3.61 4.08
N ARG A 6 0.04 4.81 4.56
CA ARG A 6 0.58 5.90 3.71
C ARG A 6 1.90 5.52 3.03
N ARG A 7 2.81 4.87 3.76
CA ARG A 7 4.11 4.37 3.24
C ARG A 7 3.91 3.22 2.23
N CYS A 8 2.98 2.32 2.52
CA CYS A 8 2.56 1.24 1.64
C CYS A 8 2.10 1.76 0.26
N GLU A 9 1.29 2.83 0.24
CA GLU A 9 0.94 3.55 -0.98
C GLU A 9 2.17 4.19 -1.66
N LEU A 10 2.93 5.02 -0.94
CA LEU A 10 4.04 5.81 -1.52
C LEU A 10 5.14 4.94 -2.14
N SER A 11 5.43 3.78 -1.54
CA SER A 11 6.39 2.81 -2.09
C SER A 11 5.84 2.10 -3.34
N CYS A 12 4.53 1.92 -3.46
CA CYS A 12 3.92 1.34 -4.67
C CYS A 12 3.57 2.40 -5.75
N ARG A 13 3.47 3.69 -5.40
CA ARG A 13 3.31 4.79 -6.36
C ARG A 13 4.50 4.86 -7.33
N SER A 14 5.68 4.40 -6.90
CA SER A 14 6.86 4.18 -7.76
C SER A 14 6.60 3.23 -8.94
N LEU A 15 5.67 2.28 -8.77
CA LEU A 15 5.29 1.24 -9.75
C LEU A 15 3.90 1.49 -10.35
N GLY A 16 3.29 2.65 -10.05
CA GLY A 16 2.02 3.09 -10.61
C GLY A 16 0.79 2.32 -10.10
N LEU A 17 0.73 2.02 -8.80
CA LEU A 17 -0.30 1.18 -8.16
C LEU A 17 -1.14 1.95 -7.13
N LEU A 18 -2.28 1.38 -6.72
CA LEU A 18 -3.14 1.81 -5.61
C LEU A 18 -2.94 0.91 -4.38
N GLY A 19 -2.33 1.42 -3.32
CA GLY A 19 -2.11 0.68 -2.08
C GLY A 19 -3.24 0.79 -1.04
N ALA A 20 -3.40 -0.29 -0.30
CA ALA A 20 -4.19 -0.45 0.91
C ALA A 20 -3.45 -1.43 1.86
N CYS A 21 -3.95 -1.59 3.09
CA CYS A 21 -3.41 -2.52 4.10
C CYS A 21 -4.55 -3.31 4.78
N ILE A 22 -4.49 -4.64 4.67
CA ILE A 22 -5.51 -5.58 5.12
C ILE A 22 -5.15 -6.10 6.51
N GLY A 23 -5.70 -5.45 7.56
CA GLY A 23 -5.51 -5.81 8.97
C GLY A 23 -4.12 -5.49 9.53
N GLU A 24 -3.08 -6.03 8.90
CA GLU A 24 -1.66 -5.71 9.12
C GLU A 24 -0.81 -5.84 7.84
N GLU A 25 -1.32 -6.42 6.75
CA GLU A 25 -0.54 -6.77 5.54
C GLU A 25 -0.81 -5.80 4.38
N CYS A 26 0.22 -5.08 3.92
CA CYS A 26 0.15 -4.17 2.78
C CYS A 26 -0.18 -4.91 1.45
N LYS A 27 -0.98 -4.29 0.59
CA LYS A 27 -1.38 -4.78 -0.75
C LYS A 27 -1.60 -3.60 -1.70
N CYS A 28 -0.92 -3.61 -2.84
CA CYS A 28 -1.10 -2.63 -3.91
C CYS A 28 -1.41 -3.28 -5.26
N VAL A 29 -2.17 -2.59 -6.10
CA VAL A 29 -2.76 -3.14 -7.35
C VAL A 29 -2.66 -2.16 -8.53
N PRO A 30 -2.59 -2.62 -9.78
CA PRO A 30 -2.47 -1.76 -10.96
C PRO A 30 -3.63 -0.76 -11.16
N TYR A 31 -3.36 0.35 -11.86
CA TYR A 31 -4.36 1.30 -12.34
C TYR A 31 -5.28 0.64 -13.38
N ALA A 1 2.76 -5.33 14.42
CA ALA A 1 3.32 -4.53 13.32
C ALA A 1 2.21 -3.75 12.63
N PHE A 2 2.06 -2.47 12.96
CA PHE A 2 0.98 -1.59 12.46
C PHE A 2 0.94 -1.48 10.93
N CYS A 3 -0.26 -1.44 10.35
CA CYS A 3 -0.47 -1.34 8.90
C CYS A 3 0.01 0.02 8.37
N ASN A 4 1.16 0.05 7.66
CA ASN A 4 1.78 1.28 7.18
C ASN A 4 1.17 1.72 5.83
N LEU A 5 -0.09 2.15 5.87
CA LEU A 5 -0.91 2.43 4.69
C LEU A 5 -0.29 3.52 3.79
N ARG A 6 0.27 4.60 4.35
CA ARG A 6 0.95 5.63 3.54
C ARG A 6 2.27 5.13 3.00
N ARG A 7 3.11 4.45 3.79
CA ARG A 7 4.42 3.98 3.28
C ARG A 7 4.23 2.95 2.15
N CYS A 8 3.23 2.09 2.29
CA CYS A 8 2.73 1.19 1.26
C CYS A 8 2.29 1.95 -0.01
N GLU A 9 1.36 2.90 0.11
CA GLU A 9 0.88 3.70 -1.03
C GLU A 9 2.03 4.44 -1.74
N LEU A 10 2.96 5.02 -0.99
CA LEU A 10 4.16 5.70 -1.51
C LEU A 10 5.10 4.72 -2.25
N SER A 11 5.44 3.58 -1.63
CA SER A 11 6.30 2.54 -2.23
C SER A 11 5.70 1.92 -3.49
N CYS A 12 4.40 2.11 -3.72
CA CYS A 12 3.67 1.65 -4.88
C CYS A 12 3.32 2.78 -5.88
N ARG A 13 3.29 4.05 -5.47
CA ARG A 13 3.09 5.21 -6.35
C ARG A 13 4.19 5.33 -7.39
N SER A 14 5.43 5.01 -7.01
CA SER A 14 6.60 4.89 -7.89
C SER A 14 6.57 3.68 -8.83
N LEU A 15 5.68 2.70 -8.59
CA LEU A 15 5.45 1.51 -9.43
C LEU A 15 4.16 1.60 -10.27
N GLY A 16 3.31 2.60 -10.01
CA GLY A 16 2.01 2.79 -10.67
C GLY A 16 0.87 1.95 -10.08
N LEU A 17 0.89 1.67 -8.76
CA LEU A 17 -0.08 0.82 -8.07
C LEU A 17 -0.74 1.58 -6.90
N LEU A 18 -2.06 1.41 -6.72
CA LEU A 18 -2.81 1.88 -5.54
C LEU A 18 -2.74 0.86 -4.38
N GLY A 19 -2.56 1.34 -3.15
CA GLY A 19 -2.52 0.52 -1.94
C GLY A 19 -3.82 0.50 -1.11
N ALA A 20 -4.03 -0.59 -0.39
CA ALA A 20 -5.13 -0.82 0.55
C ALA A 20 -4.67 -1.74 1.69
N CYS A 21 -5.12 -1.46 2.92
CA CYS A 21 -4.82 -2.30 4.08
C CYS A 21 -5.69 -3.56 4.10
N ILE A 22 -5.05 -4.75 4.13
CA ILE A 22 -5.71 -6.06 4.11
C ILE A 22 -5.39 -6.79 5.42
N GLY A 23 -6.40 -6.92 6.29
CA GLY A 23 -6.25 -7.40 7.66
C GLY A 23 -5.34 -6.49 8.47
N GLU A 24 -4.09 -6.91 8.65
CA GLU A 24 -3.05 -6.21 9.42
C GLU A 24 -1.98 -5.49 8.56
N GLU A 25 -1.95 -5.71 7.24
CA GLU A 25 -0.83 -5.29 6.37
C GLU A 25 -1.30 -4.82 4.99
N CYS A 26 -0.75 -3.71 4.50
CA CYS A 26 -1.11 -3.13 3.21
C CYS A 26 -0.50 -3.88 2.03
N LYS A 27 -1.31 -4.03 0.98
CA LYS A 27 -1.01 -4.58 -0.34
C LYS A 27 -1.34 -3.54 -1.41
N CYS A 28 -0.65 -3.56 -2.54
CA CYS A 28 -0.94 -2.66 -3.68
C CYS A 28 -1.11 -3.39 -5.02
N VAL A 29 -1.89 -2.76 -5.92
CA VAL A 29 -2.41 -3.31 -7.19
C VAL A 29 -2.40 -2.25 -8.30
N PRO A 30 -2.10 -2.60 -9.56
CA PRO A 30 -1.92 -1.62 -10.63
C PRO A 30 -3.22 -0.88 -10.97
N TYR A 31 -3.09 0.39 -11.35
CA TYR A 31 -4.21 1.28 -11.72
C TYR A 31 -5.14 0.68 -12.79
N ALA A 1 -0.82 -3.46 16.18
CA ALA A 1 0.36 -2.64 15.85
C ALA A 1 0.09 -1.85 14.57
N PHE A 2 0.56 -0.59 14.49
CA PHE A 2 0.19 0.31 13.39
C PHE A 2 0.84 -0.08 12.04
N CYS A 3 -0.01 -0.40 11.04
CA CYS A 3 0.40 -0.57 9.65
C CYS A 3 0.67 0.79 8.99
N ASN A 4 1.78 0.94 8.27
CA ASN A 4 2.18 2.18 7.57
C ASN A 4 1.42 2.32 6.24
N LEU A 5 0.14 2.67 6.30
CA LEU A 5 -0.75 2.78 5.13
C LEU A 5 -0.24 3.79 4.09
N ARG A 6 0.32 4.94 4.49
CA ARG A 6 0.89 5.89 3.52
C ARG A 6 2.17 5.35 2.87
N ARG A 7 3.06 4.72 3.64
CA ARG A 7 4.29 4.10 3.11
C ARG A 7 3.95 2.98 2.13
N CYS A 8 2.94 2.17 2.47
CA CYS A 8 2.34 1.16 1.58
C CYS A 8 1.88 1.80 0.25
N GLU A 9 1.03 2.82 0.30
CA GLU A 9 0.54 3.55 -0.88
C GLU A 9 1.67 4.17 -1.72
N LEU A 10 2.57 4.93 -1.10
CA LEU A 10 3.63 5.70 -1.78
C LEU A 10 4.75 4.79 -2.34
N SER A 11 5.06 3.68 -1.66
CA SER A 11 6.02 2.69 -2.15
C SER A 11 5.51 1.95 -3.40
N CYS A 12 4.18 1.84 -3.55
CA CYS A 12 3.53 1.31 -4.76
C CYS A 12 3.25 2.39 -5.81
N ARG A 13 3.03 3.66 -5.41
CA ARG A 13 2.88 4.81 -6.34
C ARG A 13 4.11 4.96 -7.20
N SER A 14 5.30 4.79 -6.61
CA SER A 14 6.57 4.87 -7.33
C SER A 14 6.68 3.86 -8.48
N LEU A 15 5.99 2.72 -8.36
CA LEU A 15 5.90 1.68 -9.39
C LEU A 15 4.79 1.96 -10.42
N GLY A 16 3.64 2.45 -9.95
CA GLY A 16 2.40 2.61 -10.74
C GLY A 16 1.20 1.80 -10.23
N LEU A 17 1.13 1.52 -8.92
CA LEU A 17 0.03 0.78 -8.28
C LEU A 17 -0.51 1.51 -7.02
N LEU A 18 -1.83 1.49 -6.81
CA LEU A 18 -2.49 2.03 -5.61
C LEU A 18 -2.49 1.02 -4.46
N GLY A 19 -2.38 1.45 -3.20
CA GLY A 19 -2.26 0.55 -2.03
C GLY A 19 -3.35 0.68 -0.96
N ALA A 20 -3.56 -0.40 -0.20
CA ALA A 20 -4.38 -0.49 0.99
C ALA A 20 -3.76 -1.49 1.97
N CYS A 21 -4.15 -1.45 3.25
CA CYS A 21 -3.66 -2.36 4.29
C CYS A 21 -4.79 -3.13 5.00
N ILE A 22 -4.81 -4.45 4.79
CA ILE A 22 -5.83 -5.40 5.26
C ILE A 22 -5.57 -5.74 6.73
N GLY A 23 -5.89 -4.80 7.62
CA GLY A 23 -5.54 -4.79 9.03
C GLY A 23 -4.04 -4.59 9.25
N GLU A 24 -3.27 -5.66 9.06
CA GLU A 24 -1.82 -5.73 9.32
C GLU A 24 -0.95 -5.87 8.05
N GLU A 25 -1.51 -6.19 6.89
CA GLU A 25 -0.73 -6.46 5.65
C GLU A 25 -1.09 -5.51 4.50
N CYS A 26 -0.08 -4.86 3.92
CA CYS A 26 -0.20 -4.04 2.72
C CYS A 26 -0.40 -4.92 1.47
N LYS A 27 -1.34 -4.52 0.60
CA LYS A 27 -1.53 -5.07 -0.75
C LYS A 27 -1.86 -3.94 -1.71
N CYS A 28 -1.12 -3.83 -2.82
CA CYS A 28 -1.30 -2.80 -3.84
C CYS A 28 -1.55 -3.38 -5.24
N VAL A 29 -2.30 -2.66 -6.07
CA VAL A 29 -2.89 -3.12 -7.34
C VAL A 29 -2.79 -2.04 -8.43
N PRO A 30 -2.68 -2.40 -9.72
CA PRO A 30 -2.40 -1.44 -10.79
C PRO A 30 -3.56 -0.48 -11.09
N TYR A 31 -3.24 0.63 -11.76
CA TYR A 31 -4.20 1.63 -12.22
C TYR A 31 -5.16 1.09 -13.29
N ALA A 1 -1.66 -2.26 17.48
CA ALA A 1 -1.07 -1.32 16.52
C ALA A 1 -1.47 -1.70 15.09
N PHE A 2 -1.43 -0.74 14.16
CA PHE A 2 -1.80 -0.93 12.74
C PHE A 2 -0.68 -0.67 11.73
N CYS A 3 -0.90 -1.18 10.52
CA CYS A 3 -0.07 -1.04 9.32
C CYS A 3 0.13 0.42 8.86
N ASN A 4 1.15 0.64 8.01
CA ASN A 4 1.64 1.93 7.56
C ASN A 4 1.00 2.35 6.23
N LEU A 5 -0.24 2.82 6.30
CA LEU A 5 -1.09 3.09 5.13
C LEU A 5 -0.42 4.03 4.13
N ARG A 6 0.24 5.11 4.60
CA ARG A 6 0.94 6.06 3.70
C ARG A 6 2.18 5.46 3.06
N ARG A 7 3.01 4.73 3.81
CA ARG A 7 4.21 4.07 3.30
C ARG A 7 3.86 2.97 2.30
N CYS A 8 2.80 2.21 2.57
CA CYS A 8 2.22 1.22 1.68
C CYS A 8 1.78 1.80 0.33
N GLU A 9 1.00 2.90 0.34
CA GLU A 9 0.64 3.63 -0.87
C GLU A 9 1.87 4.13 -1.63
N LEU A 10 2.76 4.91 -0.99
CA LEU A 10 3.87 5.58 -1.68
C LEU A 10 4.87 4.58 -2.29
N SER A 11 5.17 3.49 -1.56
CA SER A 11 6.11 2.46 -2.03
C SER A 11 5.59 1.71 -3.26
N CYS A 12 4.27 1.63 -3.43
CA CYS A 12 3.61 1.07 -4.62
C CYS A 12 3.39 2.11 -5.73
N ARG A 13 3.09 3.36 -5.36
CA ARG A 13 2.72 4.46 -6.27
C ARG A 13 3.89 4.88 -7.16
N SER A 14 5.12 4.74 -6.66
CA SER A 14 6.33 4.89 -7.48
C SER A 14 6.45 3.81 -8.58
N LEU A 15 5.91 2.62 -8.36
CA LEU A 15 5.93 1.48 -9.29
C LEU A 15 4.66 1.41 -10.19
N GLY A 16 3.69 2.31 -10.00
CA GLY A 16 2.48 2.42 -10.84
C GLY A 16 1.26 1.62 -10.34
N LEU A 17 1.11 1.42 -9.03
CA LEU A 17 -0.05 0.77 -8.42
C LEU A 17 -0.49 1.45 -7.12
N LEU A 18 -1.81 1.56 -6.90
CA LEU A 18 -2.42 2.25 -5.75
C LEU A 18 -2.59 1.29 -4.57
N GLY A 19 -2.21 1.70 -3.36
CA GLY A 19 -2.08 0.81 -2.20
C GLY A 19 -3.19 0.89 -1.16
N ALA A 20 -3.29 -0.18 -0.37
CA ALA A 20 -4.13 -0.29 0.82
C ALA A 20 -3.41 -1.20 1.83
N CYS A 21 -3.18 -0.70 3.05
CA CYS A 21 -2.72 -1.55 4.14
C CYS A 21 -3.91 -2.19 4.86
N ILE A 22 -3.76 -3.46 5.26
CA ILE A 22 -4.84 -4.33 5.74
C ILE A 22 -4.44 -4.95 7.09
N GLY A 23 -4.71 -4.22 8.18
CA GLY A 23 -4.40 -4.61 9.57
C GLY A 23 -2.91 -4.54 9.92
N GLU A 24 -2.11 -5.41 9.30
CA GLU A 24 -0.66 -5.59 9.54
C GLU A 24 0.18 -5.64 8.25
N GLU A 25 -0.45 -5.79 7.08
CA GLU A 25 0.19 -6.04 5.78
C GLU A 25 -0.15 -4.94 4.74
N CYS A 26 0.55 -4.93 3.61
CA CYS A 26 0.29 -4.04 2.47
C CYS A 26 -0.03 -4.82 1.19
N LYS A 27 -1.03 -4.34 0.43
CA LYS A 27 -1.39 -4.81 -0.91
C LYS A 27 -1.75 -3.64 -1.82
N CYS A 28 -1.25 -3.61 -3.05
CA CYS A 28 -1.55 -2.58 -4.05
C CYS A 28 -2.01 -3.17 -5.39
N VAL A 29 -2.79 -2.38 -6.14
CA VAL A 29 -3.50 -2.79 -7.37
C VAL A 29 -3.26 -1.81 -8.54
N PRO A 30 -3.29 -2.28 -9.81
CA PRO A 30 -3.03 -1.42 -10.98
C PRO A 30 -4.01 -0.26 -11.13
N TYR A 31 -3.53 0.84 -11.74
CA TYR A 31 -4.32 2.03 -12.11
C TYR A 31 -5.36 1.71 -13.17
#